data_9PHL
#
_entry.id   9PHL
#
_cell.length_a   68.736
_cell.length_b   68.516
_cell.length_c   69.701
_cell.angle_alpha   95.780
_cell.angle_beta   96.659
_cell.angle_gamma   104.323
#
_symmetry.space_group_name_H-M   'P 1'
#
loop_
_entity.id
_entity.type
_entity.pdbx_description
1 polymer "DNA (5'-D(*GP*AP*GP*CP*GP*AP*CP*CP*TP*GP*TP*AP*CP*GP*GP*AP*CP*AP*TP*CP*A)-3')"
2 polymer "DNA (5'-D(*TP*GP*CP*GP*TP*AP*GP*TP*GP*GP*TP*CP*GP*C)-3')"
3 polymer "DNA (5'-D(*TP*CP*TP*GP*AP*TP*GP*TP*GP*GP*TP*AP*GP*G)-3')"
4 polymer "DNA (5'-D(*AP*AP*CP*CP*TP*AP*CP*CP*TP*GP*GP*CP*AP*GP*GP*AP*CP*GP*AP*CP*T)-3')"
5 polymer "DNA (5'-D(*TP*TP*AP*GP*TP*CP*GP*TP*GP*GP*TP*AP*TP*C)-3')"
6 polymer "DNA (5'-D(*CP*AP*GP*AP*TP*AP*CP*CP*TP*GP*AP*TP*CP*GP*GP*AP*CP*TP*AP*CP*G)-3')"
7 polymer "DNA (5'-D(P*AP*CP*AP*CP*CP*GP*AP*TP*CP*AP*CP*CP*TP*GP*CP*CP*AP*CP*CP*GP*T)-3')"
8 polymer "DNA (5'-D(P*AP*CP*AP*CP*CP*GP*AP*TP*CP*AP*CP*CP*TP*GP*CP*CP*AP*CP*CP*GP*T)-3')"
#
loop_
_entity_poly.entity_id
_entity_poly.type
_entity_poly.pdbx_seq_one_letter_code
_entity_poly.pdbx_strand_id
1 'polydeoxyribonucleotide'
;(DG)(DA)(DG)(DC)(DG)(DA)(DC)(DC)(DT)(DG)(DT)(DA)(DC)(DG)(DG)(DA)(DC)(DA)(DT)(DC)
(DA)
;
A
2 'polydeoxyribonucleotide' (DT)(DG)(DT)(DC)(DT)(DT)(DG)(DT)(DG)(DG)(DT)(DC)(DG)(DC) E
3 'polydeoxyribonucleotide' (DT)(DC)(DT)(DG)(DA)(DT)(DG)(DT)(DG)(DG)(DT)(DA)(DG)(DG)(DT) D
4 'polydeoxyribonucleotide'
;(DA)(DA)(DC)(DC)(DT)(DA)(DC)(DC)(DT)(DG)(DG)(DC)(DA)(DG)(DG)(DA)(DC)(DG)(DA)(DC)
(DT)
;
B
5 'polydeoxyribonucleotide' (DT)(DA)(DG)(DT)(DC)(DG)(DT)(DG)(DG)(DC)(DT)(DC)(DG) F
6 'polydeoxyribonucleotide'
;(DC)(DA)(DC)(DG)(DA)(DG)(DC)(DC)(DT)(DG)(DA)(DT)(DC)(DG)(DG)(DA)(DC)(DA)(DA)(DG)
(DA)
;
C
7 'polydeoxyribonucleotide' (DA)(DC)(DA)(DC)(DC)(DG)(DA)(DT)(DC)(DA)(DC)(DC)(DT)(DG)(DC)(DC)(DA) M
8 'polydeoxyribonucleotide' (DC)(DC)(DG)(DT) G
#
loop_
_chem_comp.id
_chem_comp.type
_chem_comp.name
_chem_comp.formula
DA DNA linking 2'-DEOXYADENOSINE-5'-MONOPHOSPHATE 'C10 H14 N5 O6 P'
DC DNA linking 2'-DEOXYCYTIDINE-5'-MONOPHOSPHATE 'C9 H14 N3 O7 P'
DG DNA linking 2'-DEOXYGUANOSINE-5'-MONOPHOSPHATE 'C10 H14 N5 O7 P'
DT DNA linking THYMIDINE-5'-MONOPHOSPHATE 'C10 H15 N2 O8 P'
#